data_5FKG
#
_entry.id   5FKG
#
_cell.length_a   61.252
_cell.length_b   61.252
_cell.length_c   155.969
_cell.angle_alpha   90.00
_cell.angle_beta   90.00
_cell.angle_gamma   90.00
#
_symmetry.space_group_name_H-M   'P 43 21 2'
#
loop_
_entity.id
_entity.type
_entity.pdbx_description
1 polymer 'SAM-I RIBOSWITCH'
2 non-polymer S-ADENOSYLMETHIONINE
3 non-polymer 'BARIUM ION'
4 non-polymer 'SODIUM ION'
5 non-polymer 'POTASSIUM ION'
#
_entity_poly.entity_id   1
_entity_poly.type   'polyribonucleotide'
_entity_poly.pdbx_seq_one_letter_code
;GGCUUAUCAAGAGAGGGGGAGUGACUGGCGCGAAGACCCCCGGCAACCAGAAAUGGUGCCAAUUCCUGCAGCGGAAACGU
UGAAAGAUGAGCCG
;
_entity_poly.pdbx_strand_id   A
#
loop_
_chem_comp.id
_chem_comp.type
_chem_comp.name
_chem_comp.formula
A RNA linking ADENOSINE-5'-MONOPHOSPHATE 'C10 H14 N5 O7 P'
BA non-polymer 'BARIUM ION' 'Ba 2'
C RNA linking CYTIDINE-5'-MONOPHOSPHATE 'C9 H14 N3 O8 P'
G RNA linking GUANOSINE-5'-MONOPHOSPHATE 'C10 H14 N5 O8 P'
K non-polymer 'POTASSIUM ION' 'K 1'
NA non-polymer 'SODIUM ION' 'Na 1'
SAM non-polymer S-ADENOSYLMETHIONINE 'C15 H22 N6 O5 S'
U RNA linking URIDINE-5'-MONOPHOSPHATE 'C9 H13 N2 O9 P'
#
# COMPACT_ATOMS: atom_id res chain seq x y z
N SAM B . -1.01 2.03 -2.81
CA SAM B . 0.23 1.77 -2.09
C SAM B . 1.46 2.19 -2.90
O SAM B . 2.58 2.18 -2.39
OXT SAM B . 1.35 2.53 -4.07
CB SAM B . 0.26 0.31 -1.69
CG SAM B . -0.78 -0.03 -0.64
SD SAM B . -0.78 -1.78 -0.16
CE SAM B . 0.90 -1.94 0.50
C5' SAM B . -0.59 -2.63 -1.74
C4' SAM B . -1.97 -2.83 -2.35
O4' SAM B . -2.51 -1.55 -2.62
C3' SAM B . -2.03 -3.57 -3.68
O3' SAM B . -2.23 -4.95 -3.51
C2' SAM B . -3.22 -2.94 -4.36
O2' SAM B . -4.35 -3.75 -4.22
C1' SAM B . -3.46 -1.61 -3.65
N9 SAM B . -3.28 -0.49 -4.58
C8 SAM B . -4.23 0.45 -4.86
N7 SAM B . -3.71 1.33 -5.76
C5 SAM B . -2.45 0.94 -6.06
C6 SAM B . -1.51 1.48 -6.92
N6 SAM B . -1.80 2.57 -7.63
N1 SAM B . -0.28 0.86 -7.04
C2 SAM B . -0.01 -0.28 -6.30
N3 SAM B . -0.97 -0.79 -5.45
C4 SAM B . -2.17 -0.19 -5.33
BA BA C . -2.77 -1.17 -18.51
BA BA D . 5.34 0.45 0.91
BA BA E . -3.91 -8.68 9.11
BA BA F . 6.59 25.90 2.64
BA BA G . -16.65 4.21 7.50
BA BA H . -22.91 0.44 2.82
BA BA I . -3.46 6.35 -13.88
BA BA J . 4.02 -1.05 12.20
BA BA K . -6.98 -3.85 -18.11
BA BA L . 14.43 18.13 16.28
BA BA M . 16.92 -21.90 23.81
BA BA N . 15.29 -19.90 25.84
NA NA O . 12.41 3.87 0.36
NA NA P . 3.97 4.52 20.34
NA NA Q . 8.91 -10.61 14.48
NA NA R . 11.90 -14.10 19.48
K K S . -9.05 -5.91 4.44
BA BA T . -2.74 13.74 -8.30
K K U . 5.26 20.27 0.89
#